data_5CFR
#
_entry.id   5CFR
#
_cell.length_a   43.043
_cell.length_b   43.037
_cell.length_c   170.942
_cell.angle_alpha   90.00
_cell.angle_beta   90.00
_cell.angle_gamma   90.00
#
_symmetry.space_group_name_H-M   'P 21 21 21'
#
loop_
_entity.id
_entity.type
_entity.pdbx_description
1 polymer 'Stimulator of Interferon Genes'
2 non-polymer 'CALCIUM ION'
3 water water
#
_entity_poly.entity_id   1
_entity_poly.type   'polypeptide(L)'
_entity_poly.pdbx_seq_one_letter_code
;GSLSKVEESQLNEKENKNVADGLAWSYYFGYLKFVLPELEKQIEKTSKFRSKEKFVKKMFILIPSNCFWDDKIPGSDYDP
QNRITFEGNTEPLEKTRGGVFLRHYKHSVYEIKDGENEPWFCIMEYATPLLTLYDMSVAQPGELSREERDAQVVVFLRKL
QDILEGDRACQGKYELVTFSPDRDLADVMLRKLKDSELEIGG
;
_entity_poly.pdbx_strand_id   A,B
#
loop_
_chem_comp.id
_chem_comp.type
_chem_comp.name
_chem_comp.formula
CA non-polymer 'CALCIUM ION' 'Ca 2'
#
# COMPACT_ATOMS: atom_id res chain seq x y z
N LYS A 17 -13.02 7.31 -17.08
CA LYS A 17 -14.32 6.64 -17.10
C LYS A 17 -14.42 5.61 -15.97
N ASN A 18 -14.71 4.36 -16.34
CA ASN A 18 -14.88 3.30 -15.36
C ASN A 18 -13.55 2.74 -14.86
N VAL A 19 -12.70 3.64 -14.37
CA VAL A 19 -11.37 3.29 -13.88
C VAL A 19 -11.37 3.41 -12.36
N ALA A 20 -12.13 4.38 -11.87
CA ALA A 20 -12.34 4.56 -10.43
C ALA A 20 -12.80 3.28 -9.74
N ASP A 21 -13.45 2.40 -10.52
CA ASP A 21 -13.86 1.10 -10.00
C ASP A 21 -12.63 0.24 -9.76
N GLY A 22 -11.63 0.39 -10.63
CA GLY A 22 -10.42 -0.40 -10.56
C GLY A 22 -9.56 0.06 -9.40
N LEU A 23 -9.66 1.33 -9.07
CA LEU A 23 -8.94 1.89 -7.95
C LEU A 23 -9.58 1.42 -6.64
N ALA A 24 -10.92 1.41 -6.63
CA ALA A 24 -11.68 0.99 -5.47
C ALA A 24 -11.59 -0.52 -5.26
N TRP A 25 -11.48 -1.26 -6.36
CA TRP A 25 -11.38 -2.71 -6.29
C TRP A 25 -9.98 -3.15 -5.88
N SER A 26 -9.03 -2.23 -5.98
CA SER A 26 -7.65 -2.53 -5.63
C SER A 26 -7.36 -2.10 -4.19
N TYR A 27 -8.13 -1.14 -3.70
CA TYR A 27 -8.00 -0.69 -2.32
C TYR A 27 -8.65 -1.70 -1.38
N TYR A 28 -9.55 -2.50 -1.94
CA TYR A 28 -10.25 -3.51 -1.15
C TYR A 28 -9.51 -4.83 -1.15
N PHE A 29 -9.32 -5.41 -2.34
CA PHE A 29 -8.67 -6.71 -2.47
C PHE A 29 -7.21 -6.70 -2.01
N GLY A 30 -6.59 -5.53 -1.99
CA GLY A 30 -5.18 -5.41 -1.64
C GLY A 30 -4.92 -4.83 -0.28
N TYR A 31 -5.98 -4.42 0.42
CA TYR A 31 -5.81 -3.79 1.73
C TYR A 31 -7.00 -4.05 2.66
N LEU A 32 -8.14 -3.45 2.35
CA LEU A 32 -9.31 -3.48 3.23
C LEU A 32 -9.93 -4.87 3.40
N LYS A 33 -9.55 -5.79 2.53
CA LYS A 33 -10.09 -7.15 2.57
C LYS A 33 -9.69 -7.90 3.83
N PHE A 34 -8.48 -7.63 4.34
CA PHE A 34 -7.95 -8.39 5.46
C PHE A 34 -7.48 -7.53 6.63
N VAL A 35 -7.44 -6.21 6.49
CA VAL A 35 -7.07 -5.36 7.61
C VAL A 35 -8.30 -4.90 8.39
N LEU A 36 -9.43 -4.79 7.70
CA LEU A 36 -10.68 -4.36 8.32
C LEU A 36 -11.33 -5.42 9.23
N PRO A 37 -11.44 -6.67 8.75
CA PRO A 37 -12.05 -7.67 9.65
C PRO A 37 -11.14 -8.10 10.81
N GLU A 38 -9.96 -7.49 10.94
CA GLU A 38 -9.03 -7.85 11.99
C GLU A 38 -8.60 -6.64 12.81
N LEU A 39 -9.16 -5.47 12.47
CA LEU A 39 -8.83 -4.23 13.16
C LEU A 39 -9.04 -4.32 14.66
N GLU A 40 -10.23 -4.77 15.07
CA GLU A 40 -10.55 -4.95 16.48
C GLU A 40 -9.52 -5.86 17.17
N LYS A 41 -9.25 -6.99 16.52
CA LYS A 41 -8.29 -7.96 17.04
C LYS A 41 -6.90 -7.35 17.21
N GLN A 42 -6.38 -6.76 16.14
CA GLN A 42 -5.06 -6.12 16.15
C GLN A 42 -4.94 -5.01 17.19
N ILE A 43 -6.00 -4.23 17.36
CA ILE A 43 -6.00 -3.15 18.34
C ILE A 43 -5.96 -3.73 19.76
N GLU A 44 -6.53 -4.92 19.92
CA GLU A 44 -6.55 -5.58 21.21
C GLU A 44 -5.27 -6.38 21.45
N LYS A 45 -4.30 -6.22 20.55
CA LYS A 45 -2.99 -6.84 20.69
C LYS A 45 -1.93 -5.82 21.06
N THR A 46 -2.26 -4.54 20.88
CA THR A 46 -1.30 -3.49 21.15
C THR A 46 -1.44 -3.02 22.60
N SER A 47 -0.52 -3.50 23.43
CA SER A 47 -0.46 -3.22 24.88
C SER A 47 -0.85 -1.81 25.30
N LYS A 48 -0.31 -0.80 24.60
CA LYS A 48 -0.48 0.59 24.99
C LYS A 48 -1.94 1.07 24.90
N PHE A 49 -2.80 0.28 24.25
CA PHE A 49 -4.17 0.73 24.01
C PHE A 49 -5.26 -0.21 24.50
N ARG A 50 -4.88 -1.42 24.92
CA ARG A 50 -5.88 -2.39 25.37
C ARG A 50 -6.72 -1.84 26.52
N SER A 51 -6.05 -1.29 27.54
CA SER A 51 -6.75 -0.75 28.70
C SER A 51 -7.04 0.74 28.51
N LYS A 52 -7.00 1.19 27.26
CA LYS A 52 -7.26 2.59 26.92
C LYS A 52 -8.66 2.80 26.35
N GLU A 53 -9.61 3.12 27.22
CA GLU A 53 -10.96 3.45 26.77
C GLU A 53 -10.93 4.75 25.98
N LYS A 54 -12.06 5.09 25.36
CA LYS A 54 -12.22 6.28 24.53
C LYS A 54 -11.34 6.09 23.30
N PHE A 55 -11.24 4.83 22.88
CA PHE A 55 -10.51 4.43 21.69
C PHE A 55 -11.53 3.78 20.77
N VAL A 56 -12.03 4.56 19.82
CA VAL A 56 -12.99 4.03 18.87
C VAL A 56 -12.29 3.01 17.97
N LYS A 57 -12.64 1.73 18.15
CA LYS A 57 -11.98 0.68 17.40
C LYS A 57 -12.56 0.61 15.99
N LYS A 58 -12.20 1.58 15.17
CA LYS A 58 -12.73 1.68 13.82
C LYS A 58 -11.79 2.52 12.97
N MET A 59 -11.63 2.15 11.71
CA MET A 59 -10.72 2.86 10.81
C MET A 59 -11.41 4.04 10.15
N PHE A 60 -10.83 5.22 10.31
CA PHE A 60 -11.36 6.42 9.69
C PHE A 60 -10.55 6.74 8.44
N ILE A 61 -11.19 6.60 7.29
CA ILE A 61 -10.56 6.90 6.01
C ILE A 61 -10.74 8.38 5.69
N LEU A 62 -9.65 9.14 5.74
CA LEU A 62 -9.74 10.59 5.61
C LEU A 62 -9.59 11.08 4.17
N ILE A 63 -10.53 11.94 3.78
CA ILE A 63 -10.62 12.45 2.43
C ILE A 63 -10.49 13.98 2.39
N PRO A 64 -9.45 14.48 1.72
CA PRO A 64 -9.31 15.93 1.61
C PRO A 64 -9.98 16.48 0.35
N SER A 65 -10.46 17.72 0.43
CA SER A 65 -11.11 18.36 -0.71
C SER A 65 -10.21 19.40 -1.34
N ASN A 66 -10.51 19.77 -2.59
CA ASN A 66 -9.75 20.79 -3.31
C ASN A 66 -8.26 20.43 -3.41
N CYS A 67 -7.41 21.41 -3.12
CA CYS A 67 -5.96 21.22 -3.21
C CYS A 67 -5.24 21.99 -2.11
N PHE A 68 -3.98 21.60 -1.86
CA PHE A 68 -3.14 22.24 -0.86
C PHE A 68 -3.16 23.76 -0.92
N ASP A 77 -0.94 22.07 6.28
CA ASP A 77 -0.94 21.92 7.74
C ASP A 77 -2.35 21.80 8.30
N TYR A 78 -2.78 20.57 8.55
CA TYR A 78 -4.13 20.31 9.04
C TYR A 78 -4.19 20.43 10.56
N ASP A 79 -3.09 20.79 11.18
CA ASP A 79 -3.03 20.87 12.64
C ASP A 79 -2.42 22.18 13.15
N PRO A 80 -3.18 23.29 13.04
CA PRO A 80 -2.71 24.59 13.54
C PRO A 80 -2.59 24.64 15.06
N GLN A 81 -3.68 24.31 15.75
CA GLN A 81 -3.73 24.35 17.21
C GLN A 81 -2.92 23.19 17.82
N ASN A 82 -2.55 22.24 16.96
CA ASN A 82 -1.79 21.06 17.37
C ASN A 82 -2.51 20.24 18.44
N ARG A 83 -3.73 19.79 18.12
CA ARG A 83 -4.49 18.94 19.02
C ARG A 83 -4.24 17.45 18.74
N ILE A 84 -3.78 17.15 17.53
CA ILE A 84 -3.56 15.77 17.11
C ILE A 84 -2.09 15.38 17.32
N THR A 85 -1.86 14.12 17.66
CA THR A 85 -0.51 13.65 17.96
C THR A 85 -0.36 12.16 17.69
N PHE A 86 0.71 11.80 17.02
CA PHE A 86 1.02 10.39 16.75
C PHE A 86 1.41 9.68 18.05
N GLU A 87 0.70 8.61 18.38
CA GLU A 87 0.94 7.90 19.62
C GLU A 87 1.46 6.48 19.40
N GLY A 88 1.86 6.18 18.18
CA GLY A 88 2.37 4.85 17.87
C GLY A 88 1.56 4.17 16.79
N ASN A 89 1.85 2.89 16.56
CA ASN A 89 1.11 2.11 15.59
C ASN A 89 0.65 0.78 16.17
N THR A 90 -0.41 0.22 15.60
CA THR A 90 -0.93 -1.05 16.07
C THR A 90 0.06 -2.16 15.76
N GLU A 91 -0.17 -3.33 16.37
CA GLU A 91 0.69 -4.47 16.10
C GLU A 91 0.53 -4.86 14.64
N PRO A 92 1.65 -5.00 13.91
CA PRO A 92 1.64 -5.33 12.49
C PRO A 92 0.86 -6.60 12.18
N LEU A 93 0.42 -6.75 10.93
CA LEU A 93 -0.36 -7.90 10.54
C LEU A 93 0.40 -8.72 9.51
N GLU A 94 1.27 -9.60 10.01
CA GLU A 94 2.05 -10.50 9.17
C GLU A 94 1.17 -11.33 8.25
N LYS A 95 1.32 -11.12 6.94
CA LYS A 95 0.57 -11.89 5.96
C LYS A 95 1.51 -12.37 4.87
N THR A 96 1.77 -13.68 4.85
CA THR A 96 2.66 -14.24 3.85
C THR A 96 1.86 -14.82 2.68
N ARG A 97 2.36 -14.60 1.47
CA ARG A 97 1.68 -15.11 0.27
C ARG A 97 2.61 -15.92 -0.62
N GLY A 98 2.08 -17.04 -1.11
CA GLY A 98 2.82 -17.92 -1.99
C GLY A 98 3.85 -18.73 -1.27
N GLY A 99 3.88 -18.61 0.06
CA GLY A 99 4.83 -19.36 0.87
C GLY A 99 6.20 -18.72 0.91
N VAL A 100 6.33 -17.51 0.38
CA VAL A 100 7.61 -16.83 0.38
C VAL A 100 7.55 -15.34 0.73
N PHE A 101 6.52 -14.64 0.26
CA PHE A 101 6.48 -13.19 0.37
C PHE A 101 5.80 -12.71 1.66
N LEU A 102 6.58 -12.04 2.51
CA LEU A 102 6.08 -11.50 3.77
C LEU A 102 5.70 -10.03 3.62
N ARG A 103 4.61 -9.64 4.26
CA ARG A 103 4.16 -8.25 4.21
C ARG A 103 3.49 -7.83 5.52
N HIS A 104 3.92 -6.69 6.07
CA HIS A 104 3.37 -6.18 7.32
C HIS A 104 2.34 -5.08 7.09
N TYR A 105 1.23 -5.16 7.82
CA TYR A 105 0.18 -4.15 7.73
C TYR A 105 -0.15 -3.59 9.10
N LYS A 106 0.42 -2.42 9.42
CA LYS A 106 0.10 -1.75 10.67
C LYS A 106 -0.67 -0.47 10.41
N HIS A 107 -1.25 0.10 11.45
CA HIS A 107 -2.04 1.32 11.32
C HIS A 107 -1.56 2.36 12.32
N SER A 108 -1.74 3.64 12.00
CA SER A 108 -1.26 4.70 12.87
C SER A 108 -2.39 5.27 13.71
N VAL A 109 -2.27 5.10 15.02
CA VAL A 109 -3.24 5.63 15.97
C VAL A 109 -2.82 7.01 16.46
N TYR A 110 -3.76 7.96 16.41
CA TYR A 110 -3.48 9.34 16.82
C TYR A 110 -4.29 9.73 18.05
N GLU A 111 -3.85 10.77 18.73
CA GLU A 111 -4.54 11.26 19.92
C GLU A 111 -5.08 12.66 19.67
N ILE A 112 -6.40 12.78 19.73
CA ILE A 112 -7.05 14.06 19.48
C ILE A 112 -7.52 14.69 20.79
N LYS A 113 -6.97 15.85 21.10
CA LYS A 113 -7.23 16.53 22.36
C LYS A 113 -8.59 17.21 22.37
N ASP A 114 -9.45 16.78 23.28
CA ASP A 114 -10.77 17.38 23.44
C ASP A 114 -10.74 18.46 24.51
N GLY A 115 -10.03 19.55 24.23
CA GLY A 115 -9.84 20.62 25.19
C GLY A 115 -9.21 20.11 26.48
N GLU A 116 -9.75 20.53 27.61
CA GLU A 116 -9.25 20.07 28.90
C GLU A 116 -9.83 18.69 29.24
N ASN A 117 -10.87 18.28 28.53
CA ASN A 117 -11.50 16.97 28.73
C ASN A 117 -10.59 15.81 28.36
N GLU A 118 -11.06 14.60 28.60
CA GLU A 118 -10.31 13.39 28.27
C GLU A 118 -9.98 13.36 26.78
N PRO A 119 -8.84 12.75 26.41
CA PRO A 119 -8.47 12.70 24.99
C PRO A 119 -9.02 11.46 24.27
N TRP A 120 -9.15 11.56 22.95
CA TRP A 120 -9.63 10.44 22.14
C TRP A 120 -8.48 9.75 21.44
N PHE A 121 -8.64 8.45 21.18
CA PHE A 121 -7.65 7.67 20.46
C PHE A 121 -8.32 7.00 19.27
N CYS A 122 -7.92 7.39 18.06
CA CYS A 122 -8.52 6.81 16.87
C CYS A 122 -7.48 6.38 15.85
N ILE A 123 -7.94 5.67 14.82
CA ILE A 123 -7.07 5.26 13.72
C ILE A 123 -7.45 6.04 12.46
N MET A 124 -6.53 6.85 11.98
CA MET A 124 -6.76 7.64 10.78
C MET A 124 -5.89 7.14 9.64
N GLU A 125 -6.46 7.12 8.44
CA GLU A 125 -5.73 6.68 7.26
C GLU A 125 -5.86 7.69 6.13
N TYR A 126 -4.71 8.15 5.64
CA TYR A 126 -4.70 9.08 4.52
C TYR A 126 -4.75 8.26 3.24
N ALA A 127 -5.95 8.16 2.66
CA ALA A 127 -6.25 7.23 1.58
C ALA A 127 -5.29 7.32 0.41
N THR A 128 -4.61 6.21 0.13
CA THR A 128 -3.59 6.20 -0.91
C THR A 128 -4.15 6.17 -2.34
N PRO A 129 -5.20 5.36 -2.61
CA PRO A 129 -5.70 5.37 -3.99
C PRO A 129 -6.27 6.73 -4.42
N LEU A 130 -6.82 7.46 -3.46
CA LEU A 130 -7.41 8.76 -3.74
C LEU A 130 -6.36 9.84 -3.89
N LEU A 131 -5.38 9.83 -3.00
CA LEU A 131 -4.29 10.79 -3.01
C LEU A 131 -3.48 10.74 -4.30
N THR A 132 -3.37 9.54 -4.88
CA THR A 132 -2.67 9.38 -6.16
C THR A 132 -3.44 10.00 -7.32
N LEU A 133 -4.69 10.40 -7.07
CA LEU A 133 -5.47 11.09 -8.08
C LEU A 133 -5.22 12.59 -8.00
N TYR A 134 -5.01 13.07 -6.77
CA TYR A 134 -4.66 14.47 -6.57
C TYR A 134 -3.22 14.74 -7.00
N ASP A 135 -2.29 13.92 -6.51
CA ASP A 135 -0.88 14.07 -6.82
C ASP A 135 -0.63 14.01 -8.32
N MET A 136 -1.32 13.09 -9.00
CA MET A 136 -1.19 12.92 -10.45
C MET A 136 -1.68 14.14 -11.22
N SER A 137 -2.90 14.59 -10.93
CA SER A 137 -3.51 15.69 -11.66
C SER A 137 -2.76 17.00 -11.51
N VAL A 138 -1.84 17.04 -10.56
CA VAL A 138 -1.00 18.21 -10.33
C VAL A 138 0.31 18.07 -11.10
N ALA A 139 0.63 16.83 -11.48
CA ALA A 139 1.90 16.56 -12.15
C ALA A 139 1.70 16.06 -13.58
N GLN A 140 0.52 15.49 -13.86
CA GLN A 140 0.21 15.04 -15.21
C GLN A 140 -1.23 15.37 -15.63
N PRO A 141 -1.56 16.68 -15.73
CA PRO A 141 -2.89 17.14 -16.13
C PRO A 141 -3.39 16.51 -17.43
N GLY A 142 -2.54 16.52 -18.45
CA GLY A 142 -2.87 15.90 -19.73
C GLY A 142 -3.41 14.49 -19.61
N GLU A 143 -2.90 13.75 -18.63
CA GLU A 143 -3.35 12.38 -18.42
C GLU A 143 -4.55 12.34 -17.48
N LEU A 144 -4.58 13.28 -16.54
CA LEU A 144 -5.69 13.39 -15.60
C LEU A 144 -6.07 14.84 -15.32
N SER A 145 -7.13 15.31 -15.99
CA SER A 145 -7.64 16.66 -15.82
C SER A 145 -8.22 16.89 -14.43
N ARG A 146 -8.15 18.13 -13.97
CA ARG A 146 -8.74 18.51 -12.68
C ARG A 146 -10.23 18.18 -12.56
N GLU A 147 -10.92 18.14 -13.70
CA GLU A 147 -12.34 17.81 -13.69
C GLU A 147 -12.54 16.33 -13.96
N GLU A 148 -11.86 15.80 -14.97
CA GLU A 148 -11.90 14.38 -15.29
C GLU A 148 -11.52 13.54 -14.06
N ARG A 149 -10.75 14.13 -13.15
CA ARG A 149 -10.38 13.47 -11.90
C ARG A 149 -11.47 13.64 -10.85
N ASP A 150 -12.05 14.83 -10.79
CA ASP A 150 -13.12 15.14 -9.85
C ASP A 150 -14.31 14.19 -10.01
N ALA A 151 -14.45 13.62 -11.21
CA ALA A 151 -15.48 12.62 -11.46
C ALA A 151 -14.99 11.27 -10.96
N GLN A 152 -13.72 10.97 -11.23
CA GLN A 152 -13.09 9.72 -10.83
C GLN A 152 -13.06 9.60 -9.30
N VAL A 153 -13.01 10.73 -8.61
CA VAL A 153 -12.99 10.76 -7.16
C VAL A 153 -14.36 10.43 -6.58
N VAL A 154 -15.37 11.19 -7.00
CA VAL A 154 -16.74 11.00 -6.54
C VAL A 154 -17.24 9.57 -6.82
N VAL A 155 -16.77 8.98 -7.92
CA VAL A 155 -17.13 7.60 -8.23
C VAL A 155 -16.40 6.63 -7.32
N PHE A 156 -15.16 6.96 -6.96
CA PHE A 156 -14.36 6.10 -6.11
C PHE A 156 -14.99 5.96 -4.73
N LEU A 157 -15.36 7.10 -4.15
CA LEU A 157 -15.97 7.12 -2.83
C LEU A 157 -17.30 6.38 -2.82
N ARG A 158 -18.07 6.49 -3.90
CA ARG A 158 -19.36 5.81 -4.00
C ARG A 158 -19.18 4.33 -4.32
N LYS A 159 -18.11 4.01 -5.06
CA LYS A 159 -17.78 2.62 -5.38
C LYS A 159 -17.23 1.89 -4.19
N LEU A 160 -16.39 2.58 -3.42
CA LEU A 160 -15.74 1.98 -2.27
C LEU A 160 -16.76 1.57 -1.24
N GLN A 161 -17.82 2.36 -1.12
CA GLN A 161 -18.87 2.07 -0.16
C GLN A 161 -19.61 0.79 -0.52
N ASP A 162 -20.12 0.69 -1.74
CA ASP A 162 -20.91 -0.46 -2.16
C ASP A 162 -20.15 -1.78 -2.06
N ILE A 163 -18.83 -1.71 -2.16
CA ILE A 163 -17.98 -2.88 -2.00
C ILE A 163 -17.92 -3.29 -0.54
N LEU A 164 -17.65 -2.31 0.32
CA LEU A 164 -17.59 -2.55 1.75
C LEU A 164 -18.99 -2.81 2.32
N GLU A 165 -19.97 -2.05 1.82
CA GLU A 165 -21.37 -2.22 2.20
C GLU A 165 -21.89 -3.62 1.88
N GLY A 166 -21.20 -4.33 0.99
CA GLY A 166 -21.61 -5.67 0.61
C GLY A 166 -20.72 -6.73 1.24
N ASP A 167 -19.80 -6.29 2.09
CA ASP A 167 -18.95 -7.20 2.84
C ASP A 167 -19.22 -7.05 4.32
N ARG A 168 -19.91 -8.03 4.88
CA ARG A 168 -20.27 -8.04 6.30
C ARG A 168 -19.04 -8.03 7.22
N ALA A 169 -17.92 -8.55 6.72
CA ALA A 169 -16.70 -8.62 7.52
C ALA A 169 -16.04 -7.24 7.60
N CYS A 170 -16.39 -6.37 6.67
CA CYS A 170 -15.83 -5.03 6.64
C CYS A 170 -16.89 -4.00 6.98
N GLN A 171 -18.12 -4.48 7.20
CA GLN A 171 -19.25 -3.60 7.48
C GLN A 171 -19.18 -3.03 8.89
N GLY A 172 -19.27 -1.71 8.98
CA GLY A 172 -19.25 -1.03 10.27
C GLY A 172 -17.88 -1.02 10.92
N LYS A 173 -16.87 -1.43 10.18
CA LYS A 173 -15.50 -1.44 10.69
C LYS A 173 -14.73 -0.21 10.22
N TYR A 174 -15.42 0.66 9.49
CA TYR A 174 -14.79 1.84 8.92
C TYR A 174 -15.73 3.04 8.93
N GLU A 175 -15.23 4.17 8.45
CA GLU A 175 -16.03 5.40 8.32
C GLU A 175 -15.29 6.41 7.45
N LEU A 176 -16.01 7.02 6.52
CA LEU A 176 -15.42 8.01 5.63
C LEU A 176 -15.60 9.43 6.17
N VAL A 177 -14.49 10.14 6.31
CA VAL A 177 -14.50 11.50 6.85
C VAL A 177 -13.87 12.47 5.85
N THR A 178 -14.54 13.60 5.63
CA THR A 178 -14.06 14.60 4.69
C THR A 178 -13.75 15.93 5.38
N PHE A 179 -12.65 16.56 4.99
CA PHE A 179 -12.24 17.82 5.59
C PHE A 179 -11.67 18.79 4.56
N SER A 180 -11.32 19.99 5.02
CA SER A 180 -10.89 21.08 4.16
C SER A 180 -10.20 22.14 5.02
N PRO A 181 -9.62 23.19 4.41
CA PRO A 181 -9.03 24.23 5.27
C PRO A 181 -10.03 24.87 6.24
N ASP A 182 -11.23 25.17 5.77
CA ASP A 182 -12.27 25.73 6.62
C ASP A 182 -12.83 24.66 7.55
N ARG A 183 -12.60 23.40 7.20
CA ARG A 183 -13.01 22.27 8.03
C ARG A 183 -11.82 21.70 8.79
N ASP A 184 -11.43 22.37 9.87
CA ASP A 184 -10.28 21.96 10.69
C ASP A 184 -10.30 20.48 11.00
N LEU A 185 -9.16 19.82 10.79
CA LEU A 185 -9.07 18.38 10.92
C LEU A 185 -9.35 17.88 12.35
N ALA A 186 -8.74 18.53 13.33
CA ALA A 186 -8.92 18.15 14.72
C ALA A 186 -10.38 18.31 15.12
N ASP A 187 -11.00 19.38 14.63
CA ASP A 187 -12.39 19.68 14.92
C ASP A 187 -13.35 18.66 14.30
N VAL A 188 -13.22 18.42 13.01
CA VAL A 188 -14.12 17.50 12.29
C VAL A 188 -14.06 16.10 12.86
N MET A 189 -12.87 15.69 13.30
CA MET A 189 -12.67 14.35 13.84
C MET A 189 -13.33 14.18 15.20
N LEU A 190 -13.32 15.24 16.01
CA LEU A 190 -13.91 15.18 17.34
C LEU A 190 -15.44 15.03 17.29
N ARG A 191 -16.07 15.57 16.27
CA ARG A 191 -17.52 15.43 16.10
C ARG A 191 -17.88 14.03 15.62
N LYS A 192 -16.98 13.41 14.85
CA LYS A 192 -17.26 12.09 14.30
C LYS A 192 -17.06 11.03 15.38
N LEU A 193 -16.29 11.36 16.41
CA LEU A 193 -16.03 10.42 17.49
C LEU A 193 -17.16 10.42 18.53
N LYS A 194 -17.73 11.60 18.78
CA LYS A 194 -18.84 11.76 19.71
C LYS A 194 -20.18 11.32 19.11
N ASP A 195 -20.19 11.06 17.80
CA ASP A 195 -21.41 10.69 17.09
C ASP A 195 -21.41 9.22 16.65
N SER A 196 -20.38 8.48 17.05
CA SER A 196 -20.26 7.07 16.68
C SER A 196 -21.28 6.21 17.43
N LYS B 17 -10.74 -0.62 -19.98
CA LYS B 17 -10.12 0.23 -20.99
C LYS B 17 -8.85 0.87 -20.42
N ASN B 18 -8.77 2.20 -20.45
CA ASN B 18 -7.60 2.91 -19.97
C ASN B 18 -7.61 3.07 -18.45
N VAL B 19 -7.73 1.93 -17.75
CA VAL B 19 -7.81 1.90 -16.30
C VAL B 19 -6.48 1.37 -15.75
N ALA B 20 -5.89 0.44 -16.50
CA ALA B 20 -4.54 -0.05 -16.21
C ALA B 20 -3.56 1.10 -16.06
N ASP B 21 -3.86 2.23 -16.72
CA ASP B 21 -3.04 3.42 -16.60
C ASP B 21 -3.21 4.01 -15.21
N GLY B 22 -4.42 3.92 -14.67
CA GLY B 22 -4.73 4.48 -13.37
C GLY B 22 -4.13 3.69 -12.23
N LEU B 23 -3.99 2.38 -12.45
CA LEU B 23 -3.37 1.51 -11.45
C LEU B 23 -1.86 1.73 -11.44
N ALA B 24 -1.28 1.89 -12.63
CA ALA B 24 0.16 2.12 -12.75
C ALA B 24 0.53 3.51 -12.27
N TRP B 25 -0.38 4.46 -12.45
CA TRP B 25 -0.15 5.83 -12.01
C TRP B 25 -0.32 5.94 -10.49
N SER B 26 -0.96 4.93 -9.91
CA SER B 26 -1.20 4.91 -8.47
C SER B 26 -0.12 4.11 -7.75
N TYR B 27 0.51 3.19 -8.47
CA TYR B 27 1.60 2.40 -7.91
C TYR B 27 2.86 3.27 -7.86
N TYR B 28 2.88 4.30 -8.69
CA TYR B 28 4.03 5.21 -8.76
C TYR B 28 3.89 6.37 -7.79
N PHE B 29 2.84 7.17 -7.96
CA PHE B 29 2.63 8.36 -7.13
C PHE B 29 2.38 8.03 -5.66
N GLY B 30 1.96 6.80 -5.39
CA GLY B 30 1.62 6.40 -4.03
C GLY B 30 2.63 5.47 -3.38
N TYR B 31 3.66 5.07 -4.13
CA TYR B 31 4.63 4.14 -3.59
C TYR B 31 6.04 4.30 -4.18
N LEU B 32 6.18 3.95 -5.46
CA LEU B 32 7.50 3.91 -6.09
C LEU B 32 8.17 5.27 -6.28
N LYS B 33 7.40 6.34 -6.15
CA LYS B 33 7.93 7.69 -6.35
C LYS B 33 8.96 8.07 -5.29
N PHE B 34 8.78 7.58 -4.07
CA PHE B 34 9.63 8.00 -2.96
C PHE B 34 10.33 6.86 -2.23
N VAL B 35 9.98 5.61 -2.55
CA VAL B 35 10.67 4.48 -1.95
C VAL B 35 11.85 4.03 -2.81
N LEU B 36 11.74 4.26 -4.12
CA LEU B 36 12.79 3.88 -5.06
C LEU B 36 14.03 4.81 -5.00
N PRO B 37 13.83 6.14 -4.99
CA PRO B 37 15.03 6.98 -4.91
C PRO B 37 15.70 6.98 -3.54
N GLU B 38 15.20 6.18 -2.61
CA GLU B 38 15.78 6.13 -1.27
C GLU B 38 16.12 4.69 -0.87
N LEU B 39 15.88 3.76 -1.78
CA LEU B 39 16.14 2.34 -1.54
C LEU B 39 17.57 2.08 -1.11
N GLU B 40 18.53 2.57 -1.89
CA GLU B 40 19.95 2.44 -1.56
C GLU B 40 20.24 2.99 -0.17
N LYS B 41 19.74 4.19 0.10
CA LYS B 41 19.92 4.84 1.40
C LYS B 41 19.36 4.00 2.55
N GLN B 42 18.09 3.63 2.44
CA GLN B 42 17.43 2.83 3.48
C GLN B 42 18.13 1.50 3.73
N ILE B 43 18.64 0.87 2.67
CA ILE B 43 19.38 -0.39 2.81
C ILE B 43 20.69 -0.13 3.54
N GLU B 44 21.23 1.08 3.39
CA GLU B 44 22.47 1.46 4.05
C GLU B 44 22.21 1.94 5.47
N LYS B 45 20.97 1.78 5.93
CA LYS B 45 20.61 2.12 7.30
C LYS B 45 20.39 0.86 8.12
N THR B 46 20.21 -0.26 7.43
CA THR B 46 19.98 -1.53 8.10
C THR B 46 21.30 -2.25 8.31
N SER B 47 21.83 -2.13 9.52
CA SER B 47 23.09 -2.73 9.95
C SER B 47 23.38 -4.15 9.46
N LYS B 48 22.37 -5.01 9.55
CA LYS B 48 22.53 -6.44 9.27
C LYS B 48 22.90 -6.70 7.81
N PHE B 49 22.78 -5.68 6.97
CA PHE B 49 23.01 -5.84 5.54
C PHE B 49 24.05 -4.88 4.98
N ARG B 50 24.46 -3.89 5.78
CA ARG B 50 25.46 -2.93 5.33
C ARG B 50 26.76 -3.61 4.94
N SER B 51 27.28 -4.46 5.83
CA SER B 51 28.53 -5.14 5.59
C SER B 51 28.28 -6.52 4.97
N LYS B 52 27.08 -6.69 4.41
CA LYS B 52 26.71 -7.97 3.81
C LYS B 52 26.82 -7.82 2.30
N GLU B 53 27.97 -8.20 1.76
CA GLU B 53 28.23 -8.20 0.32
C GLU B 53 27.28 -9.17 -0.38
N LYS B 54 27.24 -9.11 -1.71
CA LYS B 54 26.37 -9.97 -2.53
C LYS B 54 24.91 -9.61 -2.25
N PHE B 55 24.66 -8.33 -2.03
CA PHE B 55 23.32 -7.80 -1.80
C PHE B 55 23.02 -6.80 -2.89
N VAL B 56 22.28 -7.24 -3.90
CA VAL B 56 21.88 -6.36 -4.99
C VAL B 56 20.92 -5.31 -4.46
N LYS B 57 21.39 -4.06 -4.40
CA LYS B 57 20.58 -2.97 -3.85
C LYS B 57 19.58 -2.50 -4.89
N LYS B 58 18.55 -3.30 -5.12
CA LYS B 58 17.56 -2.99 -6.14
C LYS B 58 16.27 -3.73 -5.84
N MET B 59 15.14 -3.08 -6.12
CA MET B 59 13.84 -3.67 -5.84
C MET B 59 13.37 -4.54 -7.00
N PHE B 60 13.07 -5.80 -6.70
CA PHE B 60 12.58 -6.71 -7.73
C PHE B 60 11.06 -6.85 -7.60
N ILE B 61 10.35 -6.33 -8.59
CA ILE B 61 8.90 -6.42 -8.62
C ILE B 61 8.50 -7.73 -9.29
N LEU B 62 7.95 -8.65 -8.50
CA LEU B 62 7.66 -9.99 -8.99
C LEU B 62 6.25 -10.14 -9.55
N ILE B 63 6.19 -10.73 -10.74
CA ILE B 63 4.95 -10.87 -11.48
C ILE B 63 4.63 -12.34 -11.71
N PRO B 64 3.50 -12.81 -11.15
CA PRO B 64 3.09 -14.19 -11.39
C PRO B 64 2.17 -14.32 -12.60
N SER B 65 2.22 -15.44 -13.29
CA SER B 65 1.36 -15.66 -14.45
C SER B 65 0.24 -16.64 -14.13
N ASN B 66 -0.80 -16.63 -14.96
CA ASN B 66 -1.94 -17.54 -14.81
C ASN B 66 -2.62 -17.41 -13.45
N CYS B 67 -2.88 -18.57 -12.82
CA CYS B 67 -3.60 -18.61 -11.55
C CYS B 67 -3.02 -19.68 -10.62
N PHE B 68 -3.36 -19.58 -9.34
CA PHE B 68 -2.89 -20.49 -8.30
C PHE B 68 -2.97 -21.96 -8.70
N ASP B 77 2.69 -22.51 -3.60
CA ASP B 77 3.96 -22.69 -2.91
C ASP B 77 5.11 -22.55 -3.90
N TYR B 78 5.73 -21.37 -3.94
CA TYR B 78 6.79 -21.10 -4.90
C TYR B 78 8.15 -21.57 -4.41
N ASP B 79 8.19 -22.21 -3.25
CA ASP B 79 9.46 -22.63 -2.67
C ASP B 79 9.44 -24.09 -2.23
N PRO B 80 9.52 -25.02 -3.20
CA PRO B 80 9.54 -26.45 -2.90
C PRO B 80 10.82 -26.87 -2.18
N GLN B 81 11.96 -26.55 -2.77
CA GLN B 81 13.27 -26.91 -2.21
C GLN B 81 13.59 -26.06 -0.98
N ASN B 82 12.80 -25.00 -0.77
CA ASN B 82 13.00 -24.07 0.33
C ASN B 82 14.40 -23.44 0.30
N ARG B 83 14.70 -22.76 -0.80
CA ARG B 83 15.96 -22.04 -0.95
C ARG B 83 15.83 -20.60 -0.48
N ILE B 84 14.60 -20.09 -0.47
CA ILE B 84 14.36 -18.71 -0.10
C ILE B 84 13.93 -18.61 1.37
N THR B 85 14.32 -17.52 2.03
CA THR B 85 14.04 -17.35 3.45
C THR B 85 13.98 -15.88 3.83
N PHE B 86 12.96 -15.51 4.59
CA PHE B 86 12.81 -14.15 5.09
C PHE B 86 13.88 -13.84 6.12
N GLU B 87 14.66 -12.79 5.88
CA GLU B 87 15.78 -12.45 6.76
C GLU B 87 15.58 -11.13 7.49
N GLY B 88 14.37 -10.59 7.42
CA GLY B 88 14.07 -9.33 8.09
C GLY B 88 13.59 -8.28 7.12
N ASN B 89 13.45 -7.05 7.61
CA ASN B 89 13.05 -5.93 6.77
C ASN B 89 13.93 -4.72 6.95
N THR B 90 14.01 -3.89 5.92
CA THR B 90 14.81 -2.67 5.95
C THR B 90 14.24 -1.65 6.94
N GLU B 91 15.03 -0.63 7.24
CA GLU B 91 14.58 0.46 8.11
C GLU B 91 13.41 1.18 7.44
N PRO B 92 12.30 1.34 8.19
CA PRO B 92 11.09 2.00 7.69
C PRO B 92 11.36 3.39 7.14
N LEU B 93 10.46 3.89 6.29
CA LEU B 93 10.62 5.20 5.69
C LEU B 93 9.52 6.12 6.19
N GLU B 94 9.75 6.73 7.35
CA GLU B 94 8.81 7.67 7.94
C GLU B 94 8.48 8.80 6.98
N LYS B 95 7.21 8.89 6.59
CA LYS B 95 6.75 9.94 5.70
C LYS B 95 5.46 10.53 6.25
N THR B 96 5.52 11.76 6.72
CA THR B 96 4.35 12.44 7.27
C THR B 96 3.69 13.28 6.20
N ARG B 97 2.37 13.27 6.20
CA ARG B 97 1.60 13.94 5.16
C ARG B 97 0.65 14.95 5.80
N GLY B 98 0.64 16.17 5.29
CA GLY B 98 -0.26 17.19 5.80
C GLY B 98 0.10 17.70 7.18
N GLY B 99 1.23 17.23 7.72
CA GLY B 99 1.66 17.64 9.04
C GLY B 99 0.99 16.87 10.17
N VAL B 100 0.26 15.81 9.83
CA VAL B 100 -0.41 15.01 10.84
C VAL B 100 -0.31 13.50 10.60
N PHE B 101 -0.39 13.07 9.36
CA PHE B 101 -0.51 11.65 9.05
C PHE B 101 0.84 10.97 8.84
N LEU B 102 1.17 10.03 9.72
CA LEU B 102 2.42 9.28 9.62
C LEU B 102 2.22 7.93 8.92
N ARG B 103 3.19 7.56 8.08
CA ARG B 103 3.13 6.29 7.36
C ARG B 103 4.52 5.70 7.18
N HIS B 104 4.66 4.42 7.51
CA HIS B 104 5.94 3.73 7.40
C HIS B 104 6.03 2.87 6.15
N TYR B 105 7.19 2.93 5.48
CA TYR B 105 7.41 2.15 4.27
C TYR B 105 8.68 1.32 4.38
N LYS B 106 8.52 0.04 4.73
CA LYS B 106 9.66 -0.88 4.79
C LYS B 106 9.57 -1.94 3.69
N HIS B 107 10.67 -2.65 3.48
CA HIS B 107 10.73 -3.67 2.44
C HIS B 107 11.25 -4.99 3.02
N SER B 108 10.86 -6.10 2.41
CA SER B 108 11.27 -7.41 2.91
C SER B 108 12.43 -7.97 2.11
N VAL B 109 13.57 -8.14 2.77
CA VAL B 109 14.75 -8.73 2.15
C VAL B 109 14.80 -10.24 2.40
N TYR B 110 15.02 -11.00 1.34
CA TYR B 110 15.06 -12.45 1.44
C TYR B 110 16.45 -12.99 1.09
N GLU B 111 16.73 -14.21 1.52
CA GLU B 111 18.01 -14.85 1.23
C GLU B 111 17.83 -16.07 0.35
N ILE B 112 18.41 -16.02 -0.84
CA ILE B 112 18.28 -17.11 -1.79
C ILE B 112 19.57 -17.94 -1.85
N LYS B 113 19.46 -19.21 -1.46
CA LYS B 113 20.63 -20.08 -1.39
C LYS B 113 21.04 -20.61 -2.76
N ASP B 114 22.27 -20.30 -3.16
CA ASP B 114 22.82 -20.80 -4.41
C ASP B 114 23.61 -22.08 -4.15
N GLY B 115 22.91 -23.16 -3.79
CA GLY B 115 23.55 -24.40 -3.44
C GLY B 115 24.54 -24.22 -2.31
N GLU B 116 25.75 -24.76 -2.47
CA GLU B 116 26.80 -24.60 -1.48
C GLU B 116 27.48 -23.24 -1.56
N ASN B 117 27.25 -22.54 -2.67
CA ASN B 117 27.86 -21.24 -2.86
C ASN B 117 27.33 -20.24 -1.84
N GLU B 118 27.93 -19.05 -1.84
CA GLU B 118 27.49 -17.97 -0.95
C GLU B 118 26.02 -17.67 -1.22
N PRO B 119 25.29 -17.21 -0.19
CA PRO B 119 23.87 -16.91 -0.45
C PRO B 119 23.67 -15.48 -0.92
N TRP B 120 22.57 -15.24 -1.61
CA TRP B 120 22.25 -13.90 -2.10
C TRP B 120 21.22 -13.22 -1.22
N PHE B 121 21.27 -11.90 -1.21
CA PHE B 121 20.34 -11.07 -0.45
C PHE B 121 19.69 -10.09 -1.41
N CYS B 122 18.38 -10.21 -1.60
CA CYS B 122 17.66 -9.32 -2.49
C CYS B 122 16.39 -8.77 -1.86
N ILE B 123 15.79 -7.78 -2.53
CA ILE B 123 14.51 -7.25 -2.10
C ILE B 123 13.44 -7.63 -3.10
N MET B 124 12.48 -8.44 -2.67
CA MET B 124 11.41 -8.87 -3.54
C MET B 124 10.08 -8.26 -3.11
N GLU B 125 9.26 -7.87 -4.09
CA GLU B 125 7.96 -7.28 -3.82
C GLU B 125 6.88 -7.98 -4.63
N TYR B 126 5.88 -8.51 -3.94
CA TYR B 126 4.76 -9.16 -4.60
C TYR B 126 3.73 -8.09 -4.97
N ALA B 127 3.76 -7.67 -6.23
CA ALA B 127 3.03 -6.48 -6.67
C ALA B 127 1.55 -6.53 -6.32
N THR B 128 1.11 -5.57 -5.52
CA THR B 128 -0.26 -5.51 -5.05
C THR B 128 -1.25 -4.99 -6.11
N PRO B 129 -0.88 -3.94 -6.89
CA PRO B 129 -1.88 -3.48 -7.87
C PRO B 129 -2.20 -4.56 -8.90
N LEU B 130 -1.23 -5.41 -9.18
CA LEU B 130 -1.39 -6.49 -10.14
C LEU B 130 -2.17 -7.65 -9.52
N LEU B 131 -1.82 -7.99 -8.28
CA LEU B 131 -2.49 -9.06 -7.56
C LEU B 131 -3.98 -8.80 -7.37
N THR B 132 -4.35 -7.52 -7.22
CA THR B 132 -5.75 -7.15 -7.08
C THR B 132 -6.52 -7.32 -8.39
N LEU B 133 -5.79 -7.56 -9.48
CA LEU B 133 -6.43 -7.84 -10.75
C LEU B 133 -6.69 -9.34 -10.85
N TYR B 134 -5.80 -10.13 -10.26
CA TYR B 134 -5.99 -11.56 -10.19
C TYR B 134 -7.09 -11.89 -9.20
N ASP B 135 -6.96 -11.34 -7.99
CA ASP B 135 -7.92 -11.57 -6.92
C ASP B 135 -9.35 -11.17 -7.30
N MET B 136 -9.48 -10.03 -7.96
CA MET B 136 -10.79 -9.54 -8.38
C MET B 136 -11.45 -10.48 -9.39
N SER B 137 -10.72 -10.79 -10.45
CA SER B 137 -11.26 -11.61 -11.54
C SER B 137 -11.59 -13.04 -11.12
N VAL B 138 -11.13 -13.45 -9.95
CA VAL B 138 -11.43 -14.78 -9.42
C VAL B 138 -12.64 -14.71 -8.49
N ALA B 139 -12.96 -13.49 -8.04
CA ALA B 139 -14.06 -13.30 -7.10
C ALA B 139 -15.19 -12.50 -7.71
N GLN B 140 -14.87 -11.72 -8.75
CA GLN B 140 -15.89 -10.94 -9.46
C GLN B 140 -15.69 -10.98 -10.98
N PRO B 141 -15.86 -12.16 -11.59
CA PRO B 141 -15.70 -12.34 -13.04
C PRO B 141 -16.50 -11.34 -13.87
N GLY B 142 -17.78 -11.18 -13.55
CA GLY B 142 -18.63 -10.22 -14.22
C GLY B 142 -18.05 -8.82 -14.34
N GLU B 143 -17.30 -8.41 -13.32
CA GLU B 143 -16.70 -7.07 -13.31
C GLU B 143 -15.34 -7.09 -13.99
N LEU B 144 -14.63 -8.20 -13.85
CA LEU B 144 -13.34 -8.38 -14.48
C LEU B 144 -13.17 -9.79 -15.02
N SER B 145 -13.34 -9.96 -16.33
CA SER B 145 -13.17 -11.28 -16.93
C SER B 145 -11.72 -11.70 -16.79
N ARG B 146 -11.48 -12.99 -16.60
CA ARG B 146 -10.13 -13.53 -16.49
C ARG B 146 -9.33 -13.21 -17.75
N GLU B 147 -10.04 -12.95 -18.85
CA GLU B 147 -9.42 -12.54 -20.09
C GLU B 147 -9.34 -11.02 -20.19
N GLU B 148 -10.45 -10.35 -19.90
CA GLU B 148 -10.50 -8.87 -19.87
C GLU B 148 -9.41 -8.28 -18.97
N ARG B 149 -8.96 -9.05 -17.99
CA ARG B 149 -7.90 -8.61 -17.10
C ARG B 149 -6.53 -8.85 -17.73
N ASP B 150 -6.40 -9.96 -18.44
CA ASP B 150 -5.16 -10.31 -19.13
C ASP B 150 -4.68 -9.21 -20.06
N ALA B 151 -5.61 -8.39 -20.53
CA ALA B 151 -5.27 -7.22 -21.34
C ALA B 151 -4.84 -6.08 -20.41
N GLN B 152 -5.59 -5.92 -19.33
CA GLN B 152 -5.31 -4.87 -18.34
C GLN B 152 -3.95 -5.08 -17.67
N VAL B 153 -3.51 -6.33 -17.59
CA VAL B 153 -2.24 -6.67 -16.99
C VAL B 153 -1.08 -6.25 -17.89
N VAL B 154 -1.11 -6.74 -19.13
CA VAL B 154 -0.08 -6.43 -20.10
C VAL B 154 0.08 -4.93 -20.31
N VAL B 155 -1.02 -4.19 -20.18
CA VAL B 155 -0.97 -2.74 -20.29
C VAL B 155 -0.33 -2.14 -19.05
N PHE B 156 -0.61 -2.72 -17.89
CA PHE B 156 -0.09 -2.22 -16.63
C PHE B 156 1.43 -2.33 -16.56
N LEU B 157 1.94 -3.52 -16.89
CA LEU B 157 3.38 -3.77 -16.85
C LEU B 157 4.13 -2.89 -17.84
N ARG B 158 3.56 -2.69 -19.02
CA ARG B 158 4.20 -1.87 -20.03
C ARG B 158 4.04 -0.38 -19.71
N LYS B 159 2.94 -0.02 -19.05
CA LYS B 159 2.73 1.36 -18.64
C LYS B 159 3.65 1.71 -17.49
N LEU B 160 3.82 0.76 -16.58
CA LEU B 160 4.64 0.97 -15.38
C LEU B 160 6.08 1.25 -15.74
N GLN B 161 6.57 0.57 -16.78
CA GLN B 161 7.94 0.77 -17.23
C GLN B 161 8.11 2.18 -17.79
N ASP B 162 7.22 2.55 -18.71
CA ASP B 162 7.30 3.84 -19.40
C ASP B 162 7.22 5.02 -18.44
N ILE B 163 6.58 4.81 -17.29
CA ILE B 163 6.51 5.84 -16.25
C ILE B 163 7.83 5.95 -15.50
N LEU B 164 8.35 4.80 -15.06
CA LEU B 164 9.61 4.74 -14.34
C LEU B 164 10.80 5.05 -15.23
N GLU B 165 10.74 4.56 -16.46
CA GLU B 165 11.77 4.82 -17.48
C GLU B 165 11.95 6.31 -17.75
N GLY B 166 10.95 7.11 -17.35
CA GLY B 166 11.01 8.54 -17.55
C GLY B 166 11.29 9.28 -16.25
N ASP B 167 11.57 8.52 -15.19
CA ASP B 167 11.93 9.11 -13.91
C ASP B 167 13.37 8.73 -13.53
N ARG B 168 14.24 9.72 -13.62
CA ARG B 168 15.66 9.59 -13.33
C ARG B 168 15.98 9.09 -11.92
N ALA B 169 15.11 9.40 -10.97
CA ALA B 169 15.31 9.00 -9.58
C ALA B 169 14.93 7.54 -9.33
N CYS B 170 14.15 6.98 -10.24
CA CYS B 170 13.69 5.61 -10.11
C CYS B 170 14.32 4.72 -11.17
N GLN B 171 15.14 5.31 -12.03
CA GLN B 171 15.77 4.58 -13.12
C GLN B 171 16.87 3.66 -12.63
N GLY B 172 16.77 2.38 -13.02
CA GLY B 172 17.77 1.39 -12.67
C GLY B 172 17.73 0.98 -11.20
N LYS B 173 16.70 1.42 -10.50
CA LYS B 173 16.55 1.08 -9.09
C LYS B 173 15.56 -0.07 -8.90
N TYR B 174 15.08 -0.60 -10.03
CA TYR B 174 14.09 -1.68 -9.99
C TYR B 174 14.35 -2.71 -11.09
N GLU B 175 13.50 -3.74 -11.10
CA GLU B 175 13.58 -4.79 -12.11
C GLU B 175 12.30 -5.62 -12.08
N LEU B 176 11.73 -5.87 -13.25
CA LEU B 176 10.51 -6.67 -13.33
C LEU B 176 10.86 -8.13 -13.58
N VAL B 177 10.36 -9.00 -12.70
CA VAL B 177 10.64 -10.43 -12.80
C VAL B 177 9.34 -11.21 -12.92
N THR B 178 9.29 -12.13 -13.87
CA THR B 178 8.10 -12.94 -14.09
C THR B 178 8.41 -14.40 -13.85
N PHE B 179 7.49 -15.09 -13.17
CA PHE B 179 7.67 -16.51 -12.88
C PHE B 179 6.36 -17.28 -13.01
N SER B 180 6.43 -18.59 -12.81
CA SER B 180 5.31 -19.48 -13.02
C SER B 180 5.62 -20.81 -12.32
N PRO B 181 4.66 -21.75 -12.31
CA PRO B 181 5.01 -23.04 -11.68
C PRO B 181 6.21 -23.74 -12.33
N ASP B 182 6.26 -23.75 -13.66
CA ASP B 182 7.39 -24.36 -14.37
C ASP B 182 8.63 -23.47 -14.25
N ARG B 183 8.40 -22.20 -13.88
CA ARG B 183 9.48 -21.26 -13.66
C ARG B 183 9.73 -21.09 -12.16
N ASP B 184 10.43 -22.05 -11.57
CA ASP B 184 10.72 -22.04 -10.14
C ASP B 184 11.23 -20.68 -9.67
N LEU B 185 10.66 -20.20 -8.58
CA LEU B 185 10.94 -18.86 -8.09
C LEU B 185 12.41 -18.70 -7.69
N ALA B 186 12.94 -19.68 -6.96
CA ALA B 186 14.33 -19.64 -6.53
C ALA B 186 15.28 -19.66 -7.72
N ASP B 187 14.93 -20.45 -8.73
CA ASP B 187 15.75 -20.57 -9.94
C ASP B 187 15.77 -19.28 -10.76
N VAL B 188 14.60 -18.75 -11.07
CA VAL B 188 14.48 -17.53 -11.86
C VAL B 188 15.16 -16.35 -11.19
N MET B 189 15.05 -16.29 -9.86
CA MET B 189 15.63 -15.19 -9.11
C MET B 189 17.15 -15.26 -9.08
N LEU B 190 17.68 -16.48 -9.01
CA LEU B 190 19.12 -16.69 -9.03
C LEU B 190 19.68 -16.32 -10.40
N ARG B 191 18.84 -16.47 -11.43
CA ARG B 191 19.23 -16.12 -12.78
C ARG B 191 19.32 -14.61 -12.96
N LYS B 192 18.45 -13.89 -12.27
CA LYS B 192 18.37 -12.44 -12.38
C LYS B 192 19.46 -11.73 -11.57
N LEU B 193 20.01 -12.44 -10.59
CA LEU B 193 21.03 -11.87 -9.71
C LEU B 193 22.42 -11.89 -10.36
N LYS B 194 22.67 -12.87 -11.20
CA LYS B 194 23.95 -12.95 -11.91
C LYS B 194 24.04 -11.93 -13.04
N ASP B 195 22.90 -11.34 -13.41
CA ASP B 195 22.88 -10.38 -14.49
C ASP B 195 22.54 -8.96 -14.04
N SER B 196 22.28 -8.79 -12.74
CA SER B 196 21.96 -7.47 -12.21
C SER B 196 23.23 -6.63 -12.08
CA CA C . -7.87 0.67 31.82
CA CA D . 0.44 17.31 15.66
CA CA E . 11.07 -20.44 2.61
CA CA F . 31.63 -6.98 5.63
#